data_3OVU
#
_entry.id   3OVU
#
_cell.length_a   68.638
_cell.length_b   71.659
_cell.length_c   82.058
_cell.angle_alpha   90.000
_cell.angle_beta   90.000
_cell.angle_gamma   90.000
#
_symmetry.space_group_name_H-M   'P 21 21 21'
#
loop_
_entity.id
_entity.type
_entity.pdbx_description
1 polymer 'Alpha-hemoglobin-stabilizing protein'
2 polymer 'Iron-regulated surface determinant protein H'
3 polymer 'Hemoglobin subunit alpha'
4 non-polymer 'PROTOPORPHYRIN IX CONTAINING FE'
5 water water
#
loop_
_entity_poly.entity_id
_entity_poly.type
_entity_poly.pdbx_seq_one_letter_code
_entity_poly.pdbx_strand_id
1 'polypeptide(L)'
;ALLKANKDLISAGLKEFSVLLNQQVFNDPLVSEEDMVTVVEDWMNFYINYYRQQVTGEPQERDKALQELRQELNTLANPF
LAKYRDFLKSHELPSHPPPSS
;
A
2 'polypeptide(L)'
;GSSHHHHHHSSGLVPRGSHMADESLKDAIKDPALENKEHDIGPREQVNFQLLDKNNETQYYHFFSIKDPADVYYTKKKAE
VELDINTASTWKKFEVYENNQKLPVRLVSYSPVPEDHAYIRFPVSDGTQELKIVSSTQIDDGEETNYDYTKLVFAKPIYN
DPSL
;
B
3 'polypeptide(L)'
;VLSPADKTNVKAAWGKVGAHAGEYGAEALERMFLSFPTTKTYFPHFDLSHGSAQVKGHGKKVADALTNAVAHVDDMPNAL
SALSDLHAHKLRVDPVNFKLLSHCLLVTLAAHLPAEFTPAVHASLDKFLASVSTVLTSKYR
;
C
#
loop_
_chem_comp.id
_chem_comp.type
_chem_comp.name
_chem_comp.formula
HEM non-polymer 'PROTOPORPHYRIN IX CONTAINING FE' 'C34 H32 Fe N4 O4'
#
# COMPACT_ATOMS: atom_id res chain seq x y z
N LEU A 3 -10.80 -31.92 11.55
CA LEU A 3 -9.37 -31.94 11.15
C LEU A 3 -8.63 -30.77 11.80
N LYS A 4 -7.46 -31.05 12.38
CA LYS A 4 -6.72 -30.06 13.16
C LYS A 4 -6.23 -28.89 12.31
N ALA A 5 -5.57 -29.20 11.20
CA ALA A 5 -5.04 -28.18 10.30
C ALA A 5 -6.11 -27.18 9.85
N ASN A 6 -7.28 -27.69 9.48
CA ASN A 6 -8.41 -26.86 9.07
C ASN A 6 -9.07 -26.13 10.25
N LYS A 7 -9.11 -26.79 11.41
CA LYS A 7 -9.72 -26.22 12.62
C LYS A 7 -8.96 -24.97 13.08
N ASP A 8 -7.63 -25.05 13.10
CA ASP A 8 -6.78 -23.92 13.49
C ASP A 8 -6.80 -22.81 12.45
N LEU A 9 -6.99 -23.19 11.18
CA LEU A 9 -7.03 -22.23 10.09
C LEU A 9 -8.34 -21.43 10.08
N ILE A 10 -9.42 -22.06 10.55
CA ILE A 10 -10.70 -21.37 10.75
C ILE A 10 -10.62 -20.37 11.90
N SER A 11 -9.96 -20.78 12.99
CA SER A 11 -9.78 -19.92 14.16
C SER A 11 -9.06 -18.61 13.81
N ALA A 12 -8.01 -18.71 12.99
CA ALA A 12 -7.27 -17.55 12.53
C ALA A 12 -8.10 -16.69 11.57
N GLY A 13 -8.93 -17.35 10.76
CA GLY A 13 -9.82 -16.68 9.82
C GLY A 13 -10.88 -15.84 10.50
N LEU A 14 -11.46 -16.36 11.58
CA LEU A 14 -12.46 -15.64 12.37
C LEU A 14 -11.83 -14.45 13.10
N LYS A 15 -10.63 -14.65 13.63
CA LYS A 15 -9.90 -13.59 14.34
C LYS A 15 -9.53 -12.45 13.39
N GLU A 16 -9.01 -12.80 12.21
CA GLU A 16 -8.65 -11.81 11.20
C GLU A 16 -9.87 -11.06 10.66
N PHE A 17 -11.01 -11.75 10.59
CA PHE A 17 -12.26 -11.13 10.15
C PHE A 17 -12.80 -10.15 11.20
N SER A 18 -12.68 -10.51 12.48
CA SER A 18 -13.11 -9.63 13.58
C SER A 18 -12.29 -8.33 13.63
N VAL A 19 -11.01 -8.41 13.26
CA VAL A 19 -10.16 -7.23 13.19
C VAL A 19 -10.63 -6.27 12.09
N LEU A 20 -11.15 -6.83 11.00
CA LEU A 20 -11.67 -6.03 9.88
C LEU A 20 -12.93 -5.28 10.30
N LEU A 21 -13.79 -5.92 11.09
CA LEU A 21 -15.03 -5.30 11.56
C LEU A 21 -14.74 -4.17 12.57
N ASN A 22 -13.75 -4.38 13.44
CA ASN A 22 -13.44 -3.42 14.49
C ASN A 22 -12.81 -2.12 13.97
N GLN A 23 -12.07 -2.21 12.86
CA GLN A 23 -11.38 -1.04 12.31
C GLN A 23 -12.29 -0.10 11.51
N GLN A 24 -13.54 -0.51 11.29
CA GLN A 24 -14.50 0.29 10.52
C GLN A 24 -14.92 1.54 11.28
N VAL A 25 -14.81 2.69 10.62
CA VAL A 25 -15.27 3.97 11.19
C VAL A 25 -16.61 4.34 10.55
N PHE A 26 -17.54 4.83 11.37
CA PHE A 26 -18.89 5.15 10.90
C PHE A 26 -19.10 6.66 10.82
N ASN A 27 -18.24 7.33 10.06
CA ASN A 27 -18.33 8.78 9.87
C ASN A 27 -19.22 9.12 8.66
N ASP A 28 -19.55 10.40 8.54
CA ASP A 28 -20.29 10.90 7.37
C ASP A 28 -19.32 11.06 6.20
N PRO A 29 -19.77 10.74 4.97
CA PRO A 29 -21.09 10.28 4.57
C PRO A 29 -21.28 8.78 4.81
N LEU A 30 -22.35 8.42 5.52
CA LEU A 30 -22.65 7.02 5.84
C LEU A 30 -23.29 6.30 4.66
N VAL A 31 -23.00 5.01 4.54
CA VAL A 31 -23.59 4.16 3.50
C VAL A 31 -24.88 3.53 4.04
N SER A 32 -25.79 3.19 3.13
CA SER A 32 -27.11 2.69 3.51
C SER A 32 -27.07 1.24 4.01
N GLU A 33 -28.17 0.80 4.62
CA GLU A 33 -28.29 -0.56 5.15
C GLU A 33 -28.20 -1.60 4.04
N GLU A 34 -28.78 -1.29 2.89
CA GLU A 34 -28.75 -2.20 1.73
C GLU A 34 -27.33 -2.35 1.18
N ASP A 35 -26.62 -1.23 1.09
CA ASP A 35 -25.26 -1.23 0.56
C ASP A 35 -24.24 -1.84 1.53
N MET A 36 -24.48 -1.72 2.83
CA MET A 36 -23.60 -2.31 3.83
C MET A 36 -23.72 -3.84 3.86
N VAL A 37 -24.91 -4.36 3.57
CA VAL A 37 -25.12 -5.81 3.45
C VAL A 37 -24.30 -6.37 2.29
N THR A 38 -24.26 -5.63 1.18
CA THR A 38 -23.45 -6.01 0.02
C THR A 38 -21.95 -5.97 0.34
N VAL A 39 -21.53 -4.99 1.13
CA VAL A 39 -20.13 -4.86 1.53
C VAL A 39 -19.70 -6.01 2.42
N VAL A 40 -20.56 -6.40 3.36
CA VAL A 40 -20.28 -7.53 4.26
C VAL A 40 -20.18 -8.84 3.48
N GLU A 41 -21.09 -9.05 2.54
CA GLU A 41 -21.05 -10.23 1.67
C GLU A 41 -19.78 -10.29 0.83
N ASP A 42 -19.32 -9.13 0.35
CA ASP A 42 -18.07 -9.04 -0.41
C ASP A 42 -16.86 -9.42 0.44
N TRP A 43 -16.89 -9.06 1.73
CA TRP A 43 -15.83 -9.42 2.66
C TRP A 43 -15.83 -10.92 2.95
N MET A 44 -17.00 -11.45 3.29
CA MET A 44 -17.14 -12.88 3.59
C MET A 44 -16.73 -13.76 2.41
N ASN A 45 -17.11 -13.35 1.20
CA ASN A 45 -16.72 -14.05 -0.02
C ASN A 45 -15.21 -14.03 -0.27
N PHE A 46 -14.56 -12.93 0.10
CA PHE A 46 -13.11 -12.81 -0.01
C PHE A 46 -12.40 -13.78 0.95
N TYR A 47 -12.88 -13.84 2.19
CA TYR A 47 -12.33 -14.77 3.19
C TYR A 47 -12.52 -16.23 2.76
N ILE A 48 -13.65 -16.52 2.10
CA ILE A 48 -13.90 -17.85 1.56
C ILE A 48 -12.95 -18.16 0.40
N ASN A 49 -12.75 -17.19 -0.48
CA ASN A 49 -11.82 -17.35 -1.61
C ASN A 49 -10.39 -17.62 -1.18
N TYR A 50 -9.91 -16.89 -0.16
CA TYR A 50 -8.54 -17.03 0.32
C TYR A 50 -8.32 -18.35 1.04
N TYR A 51 -9.13 -18.64 2.04
CA TYR A 51 -8.95 -19.85 2.87
C TYR A 51 -9.31 -21.16 2.15
N ARG A 52 -10.00 -21.05 1.01
CA ARG A 52 -10.24 -22.22 0.16
C ARG A 52 -8.94 -22.72 -0.47
N GLN A 53 -7.97 -21.83 -0.64
CA GLN A 53 -6.64 -22.20 -1.11
C GLN A 53 -5.77 -22.75 0.02
N GLN A 54 -5.99 -22.26 1.24
CA GLN A 54 -5.18 -22.65 2.40
C GLN A 54 -5.57 -24.00 2.99
N VAL A 55 -6.87 -24.30 3.02
CA VAL A 55 -7.35 -25.55 3.60
C VAL A 55 -6.82 -26.77 2.85
N THR A 56 -6.63 -27.87 3.58
CA THR A 56 -6.07 -29.09 3.02
C THR A 56 -6.94 -30.31 3.37
N GLY A 57 -6.56 -31.47 2.85
CA GLY A 57 -7.29 -32.72 3.09
C GLY A 57 -8.10 -33.16 1.87
N GLU A 58 -9.02 -34.09 2.09
CA GLU A 58 -9.87 -34.63 1.02
C GLU A 58 -10.87 -33.57 0.53
N PRO A 59 -11.41 -33.75 -0.68
CA PRO A 59 -12.39 -32.82 -1.24
C PRO A 59 -13.58 -32.53 -0.31
N GLN A 60 -14.14 -33.57 0.31
CA GLN A 60 -15.26 -33.40 1.24
C GLN A 60 -14.82 -32.78 2.57
N GLU A 61 -13.57 -33.01 2.96
CA GLU A 61 -13.01 -32.43 4.18
C GLU A 61 -12.76 -30.92 4.02
N ARG A 62 -12.34 -30.50 2.83
CA ARG A 62 -12.16 -29.09 2.52
C ARG A 62 -13.51 -28.38 2.38
N ASP A 63 -14.48 -29.05 1.77
CA ASP A 63 -15.82 -28.50 1.57
C ASP A 63 -16.56 -28.32 2.90
N LYS A 64 -16.39 -29.28 3.80
CA LYS A 64 -16.98 -29.22 5.14
C LYS A 64 -16.29 -28.16 6.00
N ALA A 65 -15.00 -27.93 5.75
CA ALA A 65 -14.23 -26.90 6.44
C ALA A 65 -14.69 -25.50 6.03
N LEU A 66 -14.88 -25.31 4.72
CA LEU A 66 -15.34 -24.03 4.19
C LEU A 66 -16.81 -23.75 4.54
N GLN A 67 -17.59 -24.81 4.73
CA GLN A 67 -18.98 -24.68 5.17
C GLN A 67 -19.04 -24.16 6.60
N GLU A 68 -18.18 -24.70 7.46
CA GLU A 68 -18.08 -24.26 8.86
C GLU A 68 -17.55 -22.82 8.96
N LEU A 69 -16.64 -22.47 8.04
CA LEU A 69 -16.09 -21.11 7.99
C LEU A 69 -17.14 -20.08 7.59
N ARG A 70 -17.92 -20.40 6.56
CA ARG A 70 -18.98 -19.51 6.08
C ARG A 70 -20.04 -19.27 7.15
N GLN A 71 -20.38 -20.32 7.89
CA GLN A 71 -21.34 -20.23 8.99
C GLN A 71 -20.75 -19.45 10.17
N GLU A 72 -19.48 -19.69 10.47
CA GLU A 72 -18.79 -19.00 11.55
C GLU A 72 -18.66 -17.49 11.28
N LEU A 73 -18.47 -17.14 10.01
CA LEU A 73 -18.38 -15.73 9.60
C LEU A 73 -19.72 -15.00 9.73
N ASN A 74 -20.83 -15.70 9.50
CA ASN A 74 -22.17 -15.12 9.64
C ASN A 74 -22.51 -14.75 11.09
N THR A 75 -21.98 -15.52 12.04
CA THR A 75 -22.18 -15.23 13.47
C THR A 75 -21.49 -13.93 13.89
N LEU A 76 -20.42 -13.57 13.20
CA LEU A 76 -19.71 -12.31 13.43
C LEU A 76 -20.30 -11.17 12.60
N ALA A 77 -20.91 -11.51 11.46
CA ALA A 77 -21.46 -10.52 10.54
C ALA A 77 -22.82 -10.00 10.96
N ASN A 78 -23.71 -10.89 11.40
CA ASN A 78 -25.08 -10.53 11.75
C ASN A 78 -25.21 -9.49 12.87
N PRO A 79 -24.39 -9.61 13.94
CA PRO A 79 -24.37 -8.58 14.98
C PRO A 79 -23.82 -7.23 14.48
N PHE A 80 -22.85 -7.28 13.57
CA PHE A 80 -22.27 -6.06 12.99
C PHE A 80 -23.29 -5.30 12.16
N LEU A 81 -24.10 -6.02 11.39
CA LEU A 81 -25.16 -5.43 10.59
C LEU A 81 -26.30 -4.90 11.46
N ALA A 82 -26.62 -5.63 12.53
CA ALA A 82 -27.64 -5.19 13.49
C ALA A 82 -27.17 -3.97 14.27
N LYS A 83 -25.88 -3.96 14.62
CA LYS A 83 -25.27 -2.82 15.29
C LYS A 83 -25.29 -1.57 14.41
N TYR A 84 -25.10 -1.76 13.11
CA TYR A 84 -25.09 -0.66 12.15
C TYR A 84 -26.48 -0.07 11.92
N ARG A 85 -27.51 -0.91 12.01
CA ARG A 85 -28.89 -0.46 11.86
C ARG A 85 -29.33 0.45 13.00
N ASP A 86 -28.88 0.15 14.21
CA ASP A 86 -29.18 0.98 15.39
C ASP A 86 -28.43 2.31 15.34
N PHE A 87 -27.24 2.31 14.74
CA PHE A 87 -26.45 3.53 14.56
C PHE A 87 -27.05 4.42 13.46
N LEU A 88 -27.53 3.81 12.38
CA LEU A 88 -28.03 4.54 11.22
C LEU A 88 -29.34 5.27 11.50
N LYS A 89 -30.23 4.65 12.28
CA LYS A 89 -31.52 5.25 12.61
C LYS A 89 -31.40 6.53 13.45
N SER A 90 -30.37 6.58 14.31
CA SER A 90 -30.14 7.75 15.16
C SER A 90 -29.57 8.91 14.35
N HIS B 19 21.79 -6.19 13.02
CA HIS B 19 22.62 -5.20 13.78
C HIS B 19 23.12 -4.11 12.85
N MET B 20 23.76 -4.52 11.74
CA MET B 20 24.27 -3.58 10.74
C MET B 20 23.14 -3.05 9.86
N ALA B 21 23.41 -1.96 9.16
CA ALA B 21 22.47 -1.37 8.21
C ALA B 21 22.23 -2.31 7.03
N ASP B 22 23.30 -2.98 6.59
CA ASP B 22 23.23 -3.94 5.49
C ASP B 22 22.45 -5.20 5.88
N GLU B 23 22.70 -5.70 7.08
CA GLU B 23 22.11 -6.96 7.54
C GLU B 23 20.63 -6.82 7.88
N SER B 24 20.31 -5.87 8.76
CA SER B 24 18.95 -5.69 9.23
C SER B 24 18.67 -4.25 9.68
N LEU B 25 17.88 -3.52 8.89
CA LEU B 25 17.45 -2.18 9.25
C LEU B 25 16.44 -2.20 10.41
N LYS B 26 15.67 -3.29 10.50
CA LYS B 26 14.74 -3.50 11.63
C LYS B 26 15.45 -3.28 12.96
N ASP B 27 16.61 -3.92 13.11
CA ASP B 27 17.37 -3.89 14.36
C ASP B 27 18.36 -2.73 14.42
N ALA B 28 18.74 -2.20 13.26
CA ALA B 28 19.67 -1.06 13.20
C ALA B 28 19.07 0.21 13.81
N ILE B 29 17.76 0.40 13.59
CA ILE B 29 17.04 1.57 14.11
C ILE B 29 16.64 1.45 15.59
N LYS B 30 16.92 0.30 16.21
CA LYS B 30 16.67 0.10 17.64
C LYS B 30 17.59 0.98 18.50
N ASP B 31 18.77 1.30 17.98
CA ASP B 31 19.73 2.15 18.67
C ASP B 31 19.15 3.53 18.95
N PRO B 32 18.94 3.88 20.25
CA PRO B 32 18.32 5.16 20.58
C PRO B 32 19.24 6.37 20.42
N ALA B 33 20.53 6.14 20.20
CA ALA B 33 21.48 7.22 19.95
C ALA B 33 21.16 7.99 18.67
N LEU B 34 20.52 7.30 17.72
CA LEU B 34 20.04 7.91 16.48
C LEU B 34 18.53 8.12 16.57
N GLU B 35 18.09 8.82 17.61
CA GLU B 35 16.67 9.11 17.82
C GLU B 35 16.21 10.16 16.83
N ASN B 36 16.91 11.30 16.82
CA ASN B 36 16.68 12.36 15.84
C ASN B 36 17.98 13.10 15.57
N LYS B 37 19.02 12.34 15.26
CA LYS B 37 20.36 12.89 15.08
C LYS B 37 20.45 13.75 13.82
N GLU B 38 21.31 14.76 13.86
CA GLU B 38 21.48 15.68 12.74
C GLU B 38 22.18 14.99 11.57
N HIS B 39 21.64 15.21 10.37
CA HIS B 39 22.22 14.67 9.14
C HIS B 39 22.05 15.66 7.98
N ASP B 40 22.18 16.95 8.27
CA ASP B 40 21.97 18.00 7.29
C ASP B 40 23.01 19.12 7.40
N ILE B 41 24.24 18.75 7.77
CA ILE B 41 25.35 19.72 7.90
C ILE B 41 26.35 19.51 6.77
N GLY B 42 26.84 20.62 6.22
CA GLY B 42 27.82 20.59 5.13
C GLY B 42 27.17 20.79 3.77
N PRO B 43 27.99 21.04 2.73
CA PRO B 43 27.48 21.28 1.39
C PRO B 43 26.99 20.00 0.72
N ARG B 44 25.78 20.03 0.19
CA ARG B 44 25.17 18.86 -0.45
C ARG B 44 24.71 19.19 -1.87
N GLU B 45 24.18 18.18 -2.56
CA GLU B 45 23.67 18.32 -3.93
C GLU B 45 22.42 17.47 -4.14
N GLN B 46 21.44 18.03 -4.83
CA GLN B 46 20.21 17.31 -5.17
C GLN B 46 20.41 16.56 -6.48
N VAL B 47 20.21 15.25 -6.45
CA VAL B 47 20.33 14.42 -7.65
C VAL B 47 19.15 13.44 -7.75
N ASN B 48 18.39 13.54 -8.83
CA ASN B 48 17.29 12.60 -9.09
C ASN B 48 17.80 11.23 -9.51
N PHE B 49 16.93 10.23 -9.42
CA PHE B 49 17.28 8.88 -9.83
C PHE B 49 16.05 8.05 -10.21
N GLN B 50 16.28 6.85 -10.73
CA GLN B 50 15.23 5.91 -11.07
C GLN B 50 15.54 4.52 -10.53
N LEU B 51 14.52 3.86 -9.97
CA LEU B 51 14.67 2.53 -9.39
C LEU B 51 14.04 1.48 -10.30
N LEU B 52 14.88 0.74 -11.01
CA LEU B 52 14.44 -0.29 -11.95
C LEU B 52 14.65 -1.69 -11.36
N ASP B 53 14.19 -2.71 -12.08
CA ASP B 53 14.35 -4.10 -11.66
C ASP B 53 15.10 -4.90 -12.72
N LYS B 54 15.13 -6.23 -12.57
CA LYS B 54 15.86 -7.13 -13.48
C LYS B 54 15.52 -6.91 -14.96
N ASN B 55 14.25 -6.65 -15.25
CA ASN B 55 13.78 -6.50 -16.63
C ASN B 55 13.61 -5.04 -17.06
N ASN B 56 14.35 -4.14 -16.42
CA ASN B 56 14.27 -2.69 -16.68
C ASN B 56 12.85 -2.10 -16.52
N GLU B 57 12.05 -2.71 -15.65
CA GLU B 57 10.73 -2.19 -15.30
C GLU B 57 10.85 -1.45 -13.98
N THR B 58 9.87 -0.61 -13.68
CA THR B 58 9.88 0.18 -12.44
C THR B 58 9.75 -0.72 -11.22
N GLN B 59 10.79 -0.71 -10.37
CA GLN B 59 10.73 -1.39 -9.08
C GLN B 59 9.81 -0.57 -8.17
N TYR B 60 8.54 -0.94 -8.15
CA TYR B 60 7.49 -0.11 -7.54
C TYR B 60 7.65 0.07 -6.03
N TYR B 61 7.86 -1.03 -5.31
CA TYR B 61 8.00 -0.96 -3.84
C TYR B 61 9.13 -0.02 -3.42
N HIS B 62 10.26 -0.09 -4.13
CA HIS B 62 11.39 0.80 -3.89
C HIS B 62 11.08 2.23 -4.31
N PHE B 63 10.42 2.41 -5.45
CA PHE B 63 10.03 3.73 -5.93
C PHE B 63 9.20 4.49 -4.89
N PHE B 64 8.28 3.79 -4.23
CA PHE B 64 7.46 4.40 -3.18
C PHE B 64 8.27 4.60 -1.89
N SER B 65 9.21 3.69 -1.64
CA SER B 65 9.95 3.67 -0.38
C SER B 65 11.07 4.70 -0.28
N ILE B 66 11.83 4.89 -1.37
CA ILE B 66 12.99 5.77 -1.37
C ILE B 66 12.61 7.18 -1.83
N LYS B 67 13.19 8.19 -1.17
CA LYS B 67 12.94 9.59 -1.48
C LYS B 67 13.74 10.02 -2.71
N ASP B 68 13.05 10.64 -3.67
CA ASP B 68 13.69 11.19 -4.87
C ASP B 68 13.45 12.71 -4.91
N PRO B 69 14.51 13.51 -5.10
CA PRO B 69 15.92 13.15 -5.27
C PRO B 69 16.61 12.77 -3.97
N ALA B 70 17.87 12.35 -4.08
CA ALA B 70 18.69 12.01 -2.92
C ALA B 70 19.75 13.10 -2.69
N ASP B 71 20.05 13.38 -1.43
CA ASP B 71 21.06 14.37 -1.07
C ASP B 71 22.44 13.75 -1.17
N VAL B 72 23.34 14.40 -1.91
CA VAL B 72 24.71 13.94 -2.09
C VAL B 72 25.67 14.87 -1.36
N TYR B 73 26.08 14.47 -0.16
CA TYR B 73 26.95 15.28 0.69
C TYR B 73 28.41 15.11 0.29
N TYR B 74 29.16 16.20 0.32
CA TYR B 74 30.58 16.20 -0.06
C TYR B 74 31.48 15.99 1.15
N THR B 75 32.62 15.35 0.91
CA THR B 75 33.67 15.19 1.91
C THR B 75 35.03 15.49 1.27
N LYS B 76 36.12 15.20 1.98
CA LYS B 76 37.47 15.46 1.47
C LYS B 76 38.02 14.34 0.55
N LYS B 77 37.30 13.23 0.45
CA LYS B 77 37.73 12.10 -0.39
C LYS B 77 36.67 11.70 -1.41
N LYS B 78 35.53 11.21 -0.92
CA LYS B 78 34.45 10.72 -1.79
C LYS B 78 33.09 11.28 -1.35
N ALA B 79 32.21 11.49 -2.33
CA ALA B 79 30.86 11.97 -2.06
C ALA B 79 30.03 10.86 -1.42
N GLU B 80 29.27 11.21 -0.38
CA GLU B 80 28.42 10.25 0.33
C GLU B 80 26.96 10.46 -0.04
N VAL B 81 26.36 9.45 -0.69
CA VAL B 81 24.98 9.50 -1.11
C VAL B 81 24.06 9.11 0.05
N GLU B 82 23.16 10.01 0.44
CA GLU B 82 22.18 9.73 1.49
C GLU B 82 20.90 9.19 0.88
N LEU B 83 20.40 8.08 1.44
CA LEU B 83 19.16 7.46 0.98
C LEU B 83 18.13 7.44 2.10
N ASP B 84 17.03 8.17 1.92
CA ASP B 84 15.95 8.23 2.90
C ASP B 84 14.95 7.10 2.63
N ILE B 85 14.92 6.11 3.53
CA ILE B 85 14.07 4.93 3.38
C ILE B 85 12.91 4.98 4.37
N ASN B 86 11.67 4.98 3.88
CA ASN B 86 10.49 5.01 4.75
C ASN B 86 10.09 3.60 5.23
N THR B 87 9.17 3.55 6.19
CA THR B 87 8.76 2.31 6.85
C THR B 87 9.96 1.42 7.20
N ALA B 88 10.91 2.01 7.91
CA ALA B 88 12.16 1.34 8.29
C ALA B 88 11.93 0.14 9.24
N SER B 89 10.81 0.16 9.95
CA SER B 89 10.45 -0.93 10.87
C SER B 89 10.26 -2.28 10.19
N THR B 90 9.98 -2.26 8.88
CA THR B 90 9.78 -3.49 8.11
C THR B 90 10.96 -3.85 7.20
N TRP B 91 11.80 -2.86 6.87
CA TRP B 91 12.99 -3.12 6.06
C TRP B 91 14.00 -3.95 6.85
N LYS B 92 14.51 -5.00 6.22
CA LYS B 92 15.54 -5.84 6.83
C LYS B 92 16.86 -5.68 6.06
N LYS B 93 17.10 -6.50 5.04
CA LYS B 93 18.35 -6.43 4.28
C LYS B 93 18.33 -5.24 3.32
N PHE B 94 19.48 -4.60 3.16
CA PHE B 94 19.61 -3.46 2.25
C PHE B 94 21.08 -3.26 1.85
N GLU B 95 21.57 -4.16 1.01
CA GLU B 95 22.97 -4.15 0.58
C GLU B 95 23.10 -3.36 -0.72
N VAL B 96 24.10 -2.48 -0.77
CA VAL B 96 24.37 -1.65 -1.95
C VAL B 96 25.75 -1.99 -2.52
N TYR B 97 25.82 -2.14 -3.84
CA TYR B 97 27.05 -2.53 -4.53
C TYR B 97 27.46 -1.52 -5.60
N GLU B 98 28.77 -1.42 -5.84
CA GLU B 98 29.32 -0.55 -6.87
C GLU B 98 30.26 -1.37 -7.76
N ASN B 99 29.79 -1.70 -8.97
CA ASN B 99 30.50 -2.60 -9.88
C ASN B 99 30.71 -3.98 -9.23
N ASN B 100 29.65 -4.50 -8.62
CA ASN B 100 29.68 -5.76 -7.86
C ASN B 100 30.70 -5.74 -6.71
N GLN B 101 30.76 -4.62 -6.01
CA GLN B 101 31.61 -4.47 -4.82
C GLN B 101 30.80 -3.83 -3.70
N LYS B 102 30.61 -4.56 -2.61
CA LYS B 102 29.74 -4.12 -1.50
C LYS B 102 30.26 -2.84 -0.86
N LEU B 103 29.37 -1.87 -0.66
CA LEU B 103 29.71 -0.58 -0.07
C LEU B 103 29.40 -0.55 1.43
N PRO B 104 30.16 0.25 2.19
CA PRO B 104 29.91 0.36 3.63
C PRO B 104 28.70 1.25 3.93
N VAL B 105 27.55 0.61 4.16
CA VAL B 105 26.31 1.31 4.49
C VAL B 105 26.16 1.45 6.01
N ARG B 106 25.62 2.57 6.44
CA ARG B 106 25.44 2.85 7.87
C ARG B 106 24.25 3.78 8.11
N LEU B 107 23.71 3.74 9.33
CA LEU B 107 22.63 4.66 9.73
C LEU B 107 23.22 5.95 10.27
N VAL B 108 22.79 7.07 9.69
CA VAL B 108 23.19 8.40 10.16
C VAL B 108 22.10 9.04 11.04
N SER B 109 20.84 8.71 10.76
CA SER B 109 19.72 9.18 11.56
C SER B 109 18.49 8.29 11.35
N TYR B 110 17.44 8.55 12.13
CA TYR B 110 16.19 7.80 12.01
C TYR B 110 15.02 8.53 12.66
N SER B 111 14.05 8.93 11.85
CA SER B 111 12.81 9.54 12.36
C SER B 111 11.88 8.42 12.84
N PRO B 112 11.41 8.50 14.10
CA PRO B 112 10.58 7.44 14.68
C PRO B 112 9.12 7.48 14.22
N VAL B 113 8.35 6.49 14.65
CA VAL B 113 6.92 6.39 14.35
C VAL B 113 6.18 7.67 14.76
N PRO B 114 5.17 8.09 13.97
CA PRO B 114 4.56 7.43 12.81
C PRO B 114 5.28 7.65 11.49
N GLU B 115 6.32 8.48 11.49
CA GLU B 115 7.07 8.79 10.28
C GLU B 115 7.88 7.58 9.80
N ASP B 116 8.70 7.06 10.69
CA ASP B 116 9.43 5.80 10.46
C ASP B 116 10.40 5.87 9.27
N HIS B 117 11.05 7.02 9.10
CA HIS B 117 12.04 7.20 8.03
C HIS B 117 13.44 6.88 8.54
N ALA B 118 14.17 6.06 7.81
CA ALA B 118 15.56 5.73 8.12
C ALA B 118 16.49 6.37 7.10
N TYR B 119 17.50 7.08 7.58
CA TYR B 119 18.45 7.77 6.71
C TYR B 119 19.80 7.04 6.77
N ILE B 120 20.25 6.54 5.62
CA ILE B 120 21.52 5.81 5.54
C ILE B 120 22.44 6.42 4.49
N ARG B 121 23.74 6.40 4.77
CA ARG B 121 24.75 6.97 3.88
C ARG B 121 25.77 5.93 3.45
N PHE B 122 26.42 6.19 2.32
CA PHE B 122 27.47 5.33 1.80
C PHE B 122 28.30 6.07 0.74
N PRO B 123 29.63 5.90 0.75
CA PRO B 123 30.48 6.62 -0.18
C PRO B 123 30.42 6.04 -1.59
N VAL B 124 30.51 6.93 -2.59
CA VAL B 124 30.53 6.52 -4.00
C VAL B 124 31.68 7.23 -4.72
N SER B 125 32.40 6.48 -5.55
CA SER B 125 33.55 7.02 -6.28
C SER B 125 33.11 7.93 -7.42
N ASP B 126 34.05 8.67 -7.98
CA ASP B 126 33.77 9.64 -9.05
C ASP B 126 33.34 8.93 -10.34
N GLY B 127 32.37 9.52 -11.02
CA GLY B 127 31.85 8.97 -12.28
C GLY B 127 30.86 7.84 -12.11
N THR B 128 30.38 7.63 -10.90
CA THR B 128 29.42 6.55 -10.60
C THR B 128 27.99 7.03 -10.81
N GLN B 129 27.16 6.18 -11.40
CA GLN B 129 25.76 6.51 -11.68
C GLN B 129 24.84 5.31 -11.41
N GLU B 130 25.15 4.17 -12.03
CA GLU B 130 24.39 2.94 -11.82
C GLU B 130 24.92 2.20 -10.59
N LEU B 131 24.01 1.64 -9.79
CA LEU B 131 24.40 0.80 -8.65
C LEU B 131 23.24 -0.11 -8.23
N LYS B 132 23.53 -1.40 -8.08
CA LYS B 132 22.52 -2.39 -7.73
C LYS B 132 22.25 -2.43 -6.24
N ILE B 133 21.04 -2.85 -5.87
CA ILE B 133 20.63 -2.95 -4.47
C ILE B 133 20.01 -4.32 -4.20
N VAL B 134 20.67 -5.11 -3.36
CA VAL B 134 20.12 -6.39 -2.90
C VAL B 134 19.51 -6.16 -1.53
N SER B 135 18.19 -6.36 -1.43
CA SER B 135 17.45 -5.99 -0.23
C SER B 135 16.27 -6.93 0.04
N SER B 136 15.64 -6.74 1.19
CA SER B 136 14.47 -7.51 1.58
C SER B 136 13.62 -6.77 2.60
N THR B 137 12.44 -7.31 2.90
CA THR B 137 11.54 -6.74 3.90
C THR B 137 10.87 -7.85 4.70
N GLN B 138 10.52 -7.53 5.95
CA GLN B 138 9.84 -8.49 6.83
C GLN B 138 9.02 -7.75 7.88
N ILE B 139 7.75 -8.14 8.01
CA ILE B 139 6.85 -7.53 8.99
C ILE B 139 6.83 -8.38 10.27
N ASP B 140 7.55 -7.91 11.28
CA ASP B 140 7.65 -8.61 12.57
C ASP B 140 8.21 -10.03 12.37
N ASP B 141 7.56 -11.04 12.96
CA ASP B 141 7.93 -12.44 12.72
C ASP B 141 6.99 -13.03 11.66
N GLY B 142 7.29 -12.74 10.40
CA GLY B 142 6.46 -13.18 9.28
C GLY B 142 7.26 -13.56 8.04
N GLU B 143 6.61 -13.49 6.88
CA GLU B 143 7.23 -13.91 5.63
C GLU B 143 8.22 -12.85 5.14
N GLU B 144 9.43 -13.31 4.79
CA GLU B 144 10.48 -12.43 4.29
C GLU B 144 10.38 -12.31 2.77
N THR B 145 10.16 -11.09 2.29
CA THR B 145 10.07 -10.83 0.85
C THR B 145 11.42 -10.35 0.32
N ASN B 146 12.08 -11.20 -0.47
CA ASN B 146 13.40 -10.89 -1.02
C ASN B 146 13.31 -10.10 -2.32
N TYR B 147 14.16 -9.08 -2.45
CA TYR B 147 14.31 -8.33 -3.69
C TYR B 147 15.75 -8.49 -4.18
N ASP B 148 15.99 -9.54 -4.96
CA ASP B 148 17.35 -9.96 -5.33
C ASP B 148 18.10 -8.96 -6.21
N TYR B 149 17.37 -8.12 -6.95
CA TYR B 149 18.00 -7.13 -7.81
C TYR B 149 17.15 -5.86 -7.98
N THR B 150 17.79 -4.71 -7.74
CA THR B 150 17.16 -3.41 -7.99
C THR B 150 18.24 -2.40 -8.41
N LYS B 151 18.20 -2.01 -9.68
CA LYS B 151 19.18 -1.08 -10.23
C LYS B 151 18.79 0.37 -9.92
N LEU B 152 19.76 1.14 -9.42
CA LEU B 152 19.54 2.56 -9.10
C LEU B 152 20.41 3.42 -10.02
N VAL B 153 19.77 4.18 -10.91
CA VAL B 153 20.46 5.03 -11.87
C VAL B 153 20.18 6.50 -11.55
N PHE B 154 21.24 7.25 -11.24
CA PHE B 154 21.11 8.69 -10.97
C PHE B 154 20.94 9.46 -12.28
N ALA B 155 20.45 10.68 -12.16
CA ALA B 155 20.25 11.57 -13.32
C ALA B 155 21.58 11.97 -13.95
N LYS B 156 22.62 12.08 -13.12
CA LYS B 156 23.96 12.40 -13.59
C LYS B 156 25.01 11.59 -12.83
N PRO B 157 26.23 11.48 -13.37
CA PRO B 157 27.31 10.81 -12.64
C PRO B 157 27.75 11.62 -11.43
N ILE B 158 27.95 10.93 -10.30
CA ILE B 158 28.27 11.59 -9.04
C ILE B 158 29.73 12.02 -9.02
N TYR B 159 29.98 13.26 -8.62
CA TYR B 159 31.33 13.80 -8.51
C TYR B 159 31.49 14.61 -7.22
N ASN B 160 32.59 14.34 -6.50
CA ASN B 160 32.88 15.02 -5.24
C ASN B 160 33.68 16.31 -5.48
N ASP B 161 33.32 17.37 -4.76
CA ASP B 161 34.02 18.65 -4.86
C ASP B 161 35.33 18.64 -4.06
N PRO B 162 36.30 19.48 -4.44
CA PRO B 162 37.57 19.54 -3.72
C PRO B 162 37.46 20.27 -2.38
N LEU C 2 -3.30 4.18 10.68
CA LEU C 2 -2.25 3.49 9.87
C LEU C 2 -1.11 3.00 10.76
N SER C 3 -0.21 2.20 10.17
CA SER C 3 0.92 1.63 10.90
C SER C 3 2.01 1.15 9.93
N PRO C 4 3.23 0.88 10.43
CA PRO C 4 4.30 0.36 9.59
C PRO C 4 3.91 -0.89 8.79
N ALA C 5 3.16 -1.80 9.41
CA ALA C 5 2.69 -3.02 8.74
C ALA C 5 1.69 -2.68 7.64
N ASP C 6 0.74 -1.80 7.94
CA ASP C 6 -0.27 -1.39 6.95
C ASP C 6 0.37 -0.66 5.77
N LYS C 7 1.27 0.27 6.07
CA LYS C 7 2.00 1.01 5.04
C LYS C 7 2.81 0.07 4.13
N THR C 8 3.44 -0.93 4.74
CA THR C 8 4.22 -1.91 4.00
C THR C 8 3.34 -2.79 3.11
N ASN C 9 2.16 -3.16 3.62
CA ASN C 9 1.19 -3.94 2.86
C ASN C 9 0.63 -3.18 1.65
N VAL C 10 0.43 -1.87 1.83
CA VAL C 10 -0.13 -1.02 0.76
C VAL C 10 0.85 -0.85 -0.41
N LYS C 11 2.14 -0.70 -0.10
CA LYS C 11 3.17 -0.59 -1.13
C LYS C 11 3.35 -1.90 -1.90
N ALA C 12 3.34 -3.01 -1.16
CA ALA C 12 3.52 -4.33 -1.76
C ALA C 12 2.35 -4.72 -2.67
N ALA C 13 1.13 -4.44 -2.21
CA ALA C 13 -0.08 -4.72 -2.98
C ALA C 13 -0.15 -3.86 -4.24
N TRP C 14 0.03 -2.55 -4.06
CA TRP C 14 -0.02 -1.61 -5.18
C TRP C 14 1.21 -1.72 -6.08
N GLY C 15 2.31 -2.24 -5.54
CA GLY C 15 3.51 -2.50 -6.32
C GLY C 15 3.31 -3.65 -7.30
N LYS C 16 2.63 -4.71 -6.84
CA LYS C 16 2.32 -5.86 -7.69
C LYS C 16 1.24 -5.56 -8.73
N VAL C 17 0.44 -4.51 -8.48
CA VAL C 17 -0.51 -4.02 -9.47
C VAL C 17 0.25 -3.36 -10.62
N GLY C 18 1.07 -2.37 -10.28
CA GLY C 18 1.98 -1.74 -11.23
C GLY C 18 1.29 -1.04 -12.40
N ALA C 19 1.55 -1.54 -13.61
CA ALA C 19 1.05 -0.92 -14.84
C ALA C 19 -0.44 -1.19 -15.10
N HIS C 20 -1.01 -2.17 -14.39
CA HIS C 20 -2.42 -2.54 -14.55
C HIS C 20 -3.35 -1.73 -13.63
N ALA C 21 -2.84 -0.68 -13.00
CA ALA C 21 -3.63 0.16 -12.09
C ALA C 21 -4.75 0.91 -12.81
N GLY C 22 -4.46 1.42 -14.01
CA GLY C 22 -5.46 2.11 -14.82
C GLY C 22 -6.59 1.23 -15.29
N GLU C 23 -6.29 -0.05 -15.50
CA GLU C 23 -7.30 -1.03 -15.92
C GLU C 23 -8.26 -1.37 -14.78
N TYR C 24 -7.71 -1.53 -13.57
CA TYR C 24 -8.53 -1.84 -12.39
C TYR C 24 -9.34 -0.64 -11.92
N GLY C 25 -8.81 0.56 -12.15
CA GLY C 25 -9.51 1.80 -11.82
C GLY C 25 -10.79 1.97 -12.61
N ALA C 26 -10.74 1.63 -13.90
CA ALA C 26 -11.91 1.64 -14.76
C ALA C 26 -12.84 0.48 -14.43
N GLU C 27 -12.25 -0.67 -14.11
CA GLU C 27 -13.02 -1.86 -13.76
C GLU C 27 -13.78 -1.71 -12.44
N ALA C 28 -13.12 -1.10 -11.46
CA ALA C 28 -13.74 -0.84 -10.15
C ALA C 28 -14.92 0.12 -10.27
N LEU C 29 -14.80 1.08 -11.18
CA LEU C 29 -15.85 2.06 -11.43
C LEU C 29 -17.08 1.40 -12.07
N GLU C 30 -16.84 0.43 -12.95
CA GLU C 30 -17.90 -0.35 -13.58
C GLU C 30 -18.55 -1.34 -12.62
N ARG C 31 -17.73 -1.92 -11.74
CA ARG C 31 -18.22 -2.88 -10.73
C ARG C 31 -19.14 -2.20 -9.72
N MET C 32 -18.91 -0.92 -9.45
CA MET C 32 -19.73 -0.14 -8.53
C MET C 32 -21.18 -0.05 -8.99
N PHE C 33 -21.39 0.11 -10.29
CA PHE C 33 -22.73 0.28 -10.85
C PHE C 33 -23.57 -0.99 -10.77
N LEU C 34 -22.93 -2.15 -10.95
CA LEU C 34 -23.62 -3.44 -10.86
C LEU C 34 -23.99 -3.78 -9.42
N SER C 35 -23.04 -3.57 -8.50
CA SER C 35 -23.26 -3.84 -7.08
C SER C 35 -24.15 -2.81 -6.43
N PHE C 36 -24.01 -1.54 -6.85
CA PHE C 36 -24.78 -0.43 -6.30
C PHE C 36 -25.45 0.35 -7.44
N PRO C 37 -26.67 -0.05 -7.83
CA PRO C 37 -27.36 0.60 -8.95
C PRO C 37 -27.78 2.05 -8.70
N THR C 38 -27.92 2.45 -7.44
CA THR C 38 -28.19 3.84 -7.07
C THR C 38 -27.05 4.76 -7.52
N THR C 39 -25.82 4.23 -7.48
CA THR C 39 -24.63 4.97 -7.88
C THR C 39 -24.62 5.31 -9.38
N LYS C 40 -25.23 4.45 -10.20
CA LYS C 40 -25.24 4.65 -11.64
C LYS C 40 -26.18 5.79 -12.04
N THR C 41 -25.59 6.91 -12.44
CA THR C 41 -26.33 8.09 -12.89
C THR C 41 -25.55 8.79 -14.00
N TYR C 42 -26.27 9.20 -15.05
CA TYR C 42 -25.64 9.85 -16.20
C TYR C 42 -25.69 11.37 -16.07
N PHE C 43 -24.70 12.04 -16.66
CA PHE C 43 -24.63 13.51 -16.67
C PHE C 43 -24.04 14.00 -18.00
N PRO C 44 -24.43 15.23 -18.42
CA PRO C 44 -24.18 15.73 -19.78
C PRO C 44 -22.73 15.64 -20.29
N HIS C 45 -21.79 16.22 -19.55
CA HIS C 45 -20.41 16.32 -20.02
C HIS C 45 -19.53 15.17 -19.53
N PHE C 46 -19.98 13.94 -19.81
CA PHE C 46 -19.21 12.73 -19.48
C PHE C 46 -19.76 11.52 -20.24
N ASP C 47 -18.88 10.57 -20.55
CA ASP C 47 -19.23 9.37 -21.31
C ASP C 47 -19.16 8.15 -20.40
N LEU C 48 -20.33 7.62 -20.02
CA LEU C 48 -20.42 6.47 -19.12
C LEU C 48 -20.91 5.20 -19.85
N SER C 49 -20.49 5.02 -21.10
CA SER C 49 -20.79 3.79 -21.83
C SER C 49 -19.86 2.68 -21.34
N HIS C 50 -20.11 1.45 -21.78
CA HIS C 50 -19.37 0.29 -21.27
C HIS C 50 -17.89 0.33 -21.66
N GLY C 51 -17.63 0.48 -22.95
CA GLY C 51 -16.25 0.59 -23.45
C GLY C 51 -15.90 2.04 -23.75
N SER C 52 -16.10 2.90 -22.75
CA SER C 52 -15.92 4.34 -22.92
C SER C 52 -14.45 4.75 -22.89
N ALA C 53 -14.14 5.84 -23.58
CA ALA C 53 -12.80 6.42 -23.56
C ALA C 53 -12.56 7.21 -22.28
N GLN C 54 -13.61 7.89 -21.80
CA GLN C 54 -13.53 8.70 -20.58
C GLN C 54 -13.48 7.84 -19.31
N VAL C 55 -14.17 6.70 -19.30
CA VAL C 55 -14.14 5.78 -18.16
C VAL C 55 -12.75 5.15 -18.02
N LYS C 56 -12.15 4.79 -19.16
CA LYS C 56 -10.77 4.31 -19.19
C LYS C 56 -9.79 5.42 -18.81
N GLY C 57 -10.05 6.63 -19.30
CA GLY C 57 -9.25 7.80 -18.96
C GLY C 57 -9.36 8.16 -17.48
N HIS C 58 -10.56 8.00 -16.92
CA HIS C 58 -10.80 8.24 -15.50
C HIS C 58 -10.10 7.20 -14.62
N GLY C 59 -10.03 5.96 -15.10
CA GLY C 59 -9.32 4.89 -14.40
C GLY C 59 -7.85 5.19 -14.21
N LYS C 60 -7.22 5.74 -15.24
CA LYS C 60 -5.83 6.18 -15.15
C LYS C 60 -5.67 7.34 -14.16
N LYS C 61 -6.63 8.25 -14.17
CA LYS C 61 -6.63 9.38 -13.24
C LYS C 61 -6.83 8.93 -11.78
N VAL C 62 -7.68 7.93 -11.59
CA VAL C 62 -7.86 7.30 -10.28
C VAL C 62 -6.59 6.54 -9.87
N ALA C 63 -5.97 5.87 -10.83
CA ALA C 63 -4.73 5.14 -10.59
C ALA C 63 -3.57 6.07 -10.23
N ASP C 64 -3.43 7.16 -10.98
CA ASP C 64 -2.36 8.13 -10.74
C ASP C 64 -2.54 8.88 -9.43
N ALA C 65 -3.79 9.07 -9.00
CA ALA C 65 -4.08 9.68 -7.71
C ALA C 65 -3.72 8.74 -6.57
N LEU C 66 -4.11 7.48 -6.69
CA LEU C 66 -3.79 6.45 -5.69
C LEU C 66 -2.29 6.15 -5.63
N THR C 67 -1.64 6.16 -6.79
CA THR C 67 -0.19 5.98 -6.87
C THR C 67 0.54 7.10 -6.12
N ASN C 68 0.05 8.32 -6.27
CA ASN C 68 0.60 9.46 -5.53
C ASN C 68 0.33 9.35 -4.03
N ALA C 69 -0.86 8.84 -3.68
CA ALA C 69 -1.23 8.63 -2.28
C ALA C 69 -0.35 7.58 -1.60
N VAL C 70 -0.03 6.52 -2.33
CA VAL C 70 0.85 5.47 -1.81
C VAL C 70 2.31 5.96 -1.72
N ALA C 71 2.73 6.75 -2.71
CA ALA C 71 4.07 7.33 -2.73
C ALA C 71 4.30 8.26 -1.54
N HIS C 72 3.25 8.99 -1.14
CA HIS C 72 3.29 9.88 0.01
C HIS C 72 2.28 9.41 1.07
N VAL C 73 2.38 8.15 1.46
CA VAL C 73 1.45 7.53 2.41
C VAL C 73 1.63 8.05 3.83
N ASP C 74 2.83 8.54 4.15
CA ASP C 74 3.13 9.10 5.47
C ASP C 74 2.38 10.40 5.73
N ASP C 75 2.05 11.13 4.65
CA ASP C 75 1.21 12.33 4.74
C ASP C 75 0.21 12.34 3.59
N MET C 76 -0.82 11.49 3.71
CA MET C 76 -1.82 11.31 2.67
C MET C 76 -2.74 12.53 2.46
N PRO C 77 -3.17 13.19 3.55
CA PRO C 77 -4.06 14.36 3.41
C PRO C 77 -3.51 15.47 2.51
N ASN C 78 -2.21 15.76 2.62
CA ASN C 78 -1.56 16.78 1.79
C ASN C 78 -1.44 16.36 0.32
N ALA C 79 -1.23 15.06 0.09
CA ALA C 79 -1.11 14.53 -1.27
C ALA C 79 -2.42 14.61 -2.05
N LEU C 80 -3.54 14.46 -1.35
CA LEU C 80 -4.87 14.48 -1.97
C LEU C 80 -5.66 15.75 -1.69
N SER C 81 -4.96 16.82 -1.27
CA SER C 81 -5.61 18.09 -0.95
C SER C 81 -6.06 18.82 -2.22
N ALA C 82 -5.23 18.76 -3.26
CA ALA C 82 -5.56 19.37 -4.55
C ALA C 82 -6.75 18.68 -5.21
N LEU C 83 -6.78 17.35 -5.14
CA LEU C 83 -7.85 16.56 -5.74
C LEU C 83 -9.19 16.71 -5.02
N SER C 84 -9.14 16.97 -3.72
CA SER C 84 -10.36 17.10 -2.91
C SER C 84 -11.20 18.34 -3.26
N ASP C 85 -10.57 19.33 -3.91
CA ASP C 85 -11.26 20.55 -4.33
C ASP C 85 -11.81 20.48 -5.75
N LEU C 86 -11.77 19.30 -6.37
CA LEU C 86 -12.20 19.14 -7.76
C LEU C 86 -13.69 19.41 -7.93
N HIS C 87 -14.03 20.27 -8.90
CA HIS C 87 -15.42 20.70 -9.13
C HIS C 87 -16.28 19.56 -9.68
N ALA C 88 -15.70 18.74 -10.56
CA ALA C 88 -16.42 17.61 -11.16
C ALA C 88 -17.00 16.68 -10.09
N HIS C 89 -16.19 16.39 -9.08
CA HIS C 89 -16.63 15.54 -7.96
C HIS C 89 -17.71 16.24 -7.12
N LYS C 90 -17.47 17.50 -6.79
CA LYS C 90 -18.40 18.28 -5.97
C LYS C 90 -19.78 18.44 -6.62
N LEU C 91 -19.81 18.53 -7.94
CA LEU C 91 -21.04 18.78 -8.68
C LEU C 91 -21.75 17.49 -9.10
N ARG C 92 -20.98 16.54 -9.63
CA ARG C 92 -21.55 15.31 -10.20
C ARG C 92 -21.66 14.16 -9.19
N VAL C 93 -20.60 13.93 -8.43
CA VAL C 93 -20.48 12.74 -7.58
C VAL C 93 -21.11 12.94 -6.19
N ASP C 94 -21.87 11.94 -5.76
CA ASP C 94 -22.44 11.93 -4.41
C ASP C 94 -21.36 11.49 -3.42
N PRO C 95 -21.25 12.16 -2.26
CA PRO C 95 -20.22 11.85 -1.26
C PRO C 95 -20.06 10.37 -0.90
N VAL C 96 -21.18 9.63 -0.84
CA VAL C 96 -21.16 8.22 -0.44
C VAL C 96 -20.44 7.32 -1.44
N ASN C 97 -20.48 7.70 -2.72
CA ASN C 97 -19.95 6.86 -3.81
C ASN C 97 -18.43 6.63 -3.74
N PHE C 98 -17.70 7.51 -3.07
CA PHE C 98 -16.26 7.36 -2.88
C PHE C 98 -15.94 6.16 -1.99
N LYS C 99 -16.75 5.97 -0.95
CA LYS C 99 -16.63 4.78 -0.09
C LYS C 99 -17.02 3.52 -0.85
N LEU C 100 -18.01 3.62 -1.73
CA LEU C 100 -18.48 2.50 -2.53
C LEU C 100 -17.49 2.13 -3.65
N LEU C 101 -16.86 3.14 -4.25
CA LEU C 101 -15.85 2.91 -5.30
C LEU C 101 -14.58 2.30 -4.71
N SER C 102 -14.13 2.86 -3.59
CA SER C 102 -12.93 2.36 -2.91
C SER C 102 -13.13 0.93 -2.38
N HIS C 103 -14.36 0.61 -2.00
CA HIS C 103 -14.72 -0.75 -1.62
C HIS C 103 -14.61 -1.71 -2.82
N CYS C 104 -15.14 -1.28 -3.96
CA CYS C 104 -15.10 -2.08 -5.18
C CYS C 104 -13.68 -2.24 -5.75
N LEU C 105 -12.79 -1.31 -5.40
CA LEU C 105 -11.40 -1.40 -5.82
C LEU C 105 -10.68 -2.53 -5.08
N LEU C 106 -11.01 -2.72 -3.79
CA LEU C 106 -10.53 -3.88 -3.02
C LEU C 106 -11.01 -5.19 -3.65
N VAL C 107 -12.28 -5.22 -4.03
CA VAL C 107 -12.86 -6.40 -4.69
C VAL C 107 -12.17 -6.67 -6.03
N THR C 108 -11.85 -5.60 -6.75
CA THR C 108 -11.15 -5.71 -8.04
C THR C 108 -9.70 -6.15 -7.85
N LEU C 109 -8.99 -5.50 -6.94
CA LEU C 109 -7.58 -5.80 -6.69
C LEU C 109 -7.37 -7.22 -6.17
N ALA C 110 -8.18 -7.61 -5.19
CA ALA C 110 -8.09 -8.96 -4.60
C ALA C 110 -8.48 -10.05 -5.61
N ALA C 111 -9.33 -9.71 -6.58
CA ALA C 111 -9.73 -10.64 -7.63
C ALA C 111 -8.58 -10.91 -8.60
N HIS C 112 -7.94 -9.83 -9.07
CA HIS C 112 -6.83 -9.94 -10.02
C HIS C 112 -5.50 -10.36 -9.37
N LEU C 113 -5.38 -10.16 -8.05
CA LEU C 113 -4.18 -10.54 -7.32
C LEU C 113 -4.54 -11.35 -6.06
N PRO C 114 -5.08 -12.56 -6.25
CA PRO C 114 -5.58 -13.37 -5.13
C PRO C 114 -4.49 -13.95 -4.23
N ALA C 115 -3.33 -14.28 -4.80
CA ALA C 115 -2.24 -14.91 -4.04
C ALA C 115 -1.60 -13.96 -3.03
N GLU C 116 -1.32 -12.73 -3.46
CA GLU C 116 -0.65 -11.74 -2.62
C GLU C 116 -1.60 -11.02 -1.65
N PHE C 117 -2.91 -11.19 -1.84
CA PHE C 117 -3.91 -10.45 -1.06
C PHE C 117 -4.38 -11.27 0.14
N THR C 118 -3.59 -11.24 1.22
CA THR C 118 -3.95 -11.94 2.45
C THR C 118 -4.96 -11.12 3.24
N PRO C 119 -5.63 -11.74 4.25
CA PRO C 119 -6.53 -10.98 5.11
C PRO C 119 -5.87 -9.78 5.80
N ALA C 120 -4.59 -9.91 6.13
CA ALA C 120 -3.83 -8.81 6.71
C ALA C 120 -3.64 -7.67 5.73
N VAL C 121 -3.28 -7.99 4.49
CA VAL C 121 -3.11 -7.00 3.42
C VAL C 121 -4.46 -6.40 3.02
N HIS C 122 -5.49 -7.23 3.00
CA HIS C 122 -6.85 -6.79 2.71
C HIS C 122 -7.33 -5.70 3.67
N ALA C 123 -7.10 -5.93 4.97
CA ALA C 123 -7.47 -4.97 6.00
C ALA C 123 -6.59 -3.71 5.95
N SER C 124 -5.34 -3.87 5.53
CA SER C 124 -4.41 -2.74 5.40
C SER C 124 -4.87 -1.77 4.32
N LEU C 125 -5.22 -2.32 3.15
CA LEU C 125 -5.73 -1.52 2.04
C LEU C 125 -7.14 -0.99 2.29
N ASP C 126 -7.93 -1.72 3.07
CA ASP C 126 -9.26 -1.27 3.47
C ASP C 126 -9.16 0.02 4.30
N LYS C 127 -8.24 0.03 5.26
CA LYS C 127 -8.00 1.19 6.11
C LYS C 127 -7.41 2.36 5.31
N PHE C 128 -6.47 2.04 4.42
CA PHE C 128 -5.84 3.03 3.54
C PHE C 128 -6.85 3.66 2.60
N LEU C 129 -7.66 2.83 1.95
CA LEU C 129 -8.69 3.29 1.03
C LEU C 129 -9.87 3.97 1.75
N ALA C 130 -10.04 3.67 3.04
CA ALA C 130 -11.05 4.34 3.84
C ALA C 130 -10.66 5.80 4.10
N SER C 131 -9.37 6.04 4.36
CA SER C 131 -8.86 7.38 4.61
C SER C 131 -8.89 8.25 3.35
N VAL C 132 -8.60 7.66 2.19
CA VAL C 132 -8.62 8.39 0.93
C VAL C 132 -10.04 8.87 0.57
N SER C 133 -11.04 8.07 0.91
CA SER C 133 -12.45 8.44 0.68
C SER C 133 -12.86 9.64 1.53
N THR C 134 -12.43 9.64 2.80
CA THR C 134 -12.77 10.72 3.73
C THR C 134 -12.03 12.01 3.41
N VAL C 135 -10.81 11.89 2.85
CA VAL C 135 -10.02 13.06 2.43
C VAL C 135 -10.65 13.76 1.23
N LEU C 136 -11.08 12.98 0.25
CA LEU C 136 -11.69 13.53 -0.97
C LEU C 136 -13.09 14.08 -0.73
N THR C 137 -13.81 13.52 0.25
CA THR C 137 -15.14 14.00 0.61
C THR C 137 -15.12 14.94 1.83
N SER C 138 -13.93 15.43 2.19
CA SER C 138 -13.78 16.36 3.31
C SER C 138 -14.35 17.74 3.01
N LYS C 139 -14.26 18.15 1.76
CA LYS C 139 -14.70 19.49 1.34
C LYS C 139 -16.22 19.57 1.18
N TYR C 140 -16.88 18.44 0.99
CA TYR C 140 -18.34 18.39 0.89
C TYR C 140 -18.89 17.01 1.25
CHA HEM D . -12.02 13.57 -12.56
CHB HEM D . -9.81 10.83 -9.21
CHC HEM D . -14.02 8.64 -8.17
CHD HEM D . -16.28 11.35 -11.52
C1A HEM D . -11.06 13.01 -11.74
C2A HEM D . -9.65 13.38 -11.73
C3A HEM D . -9.04 12.62 -10.80
C4A HEM D . -10.03 11.75 -10.21
CMA HEM D . -7.55 12.68 -10.44
CAA HEM D . -8.97 14.44 -12.61
CBA HEM D . -8.94 15.78 -11.88
CGA HEM D . -7.89 16.66 -12.50
O1A HEM D . -8.12 17.17 -13.61
O2A HEM D . -6.81 16.83 -11.87
C1B HEM D . -10.75 9.99 -8.64
C2B HEM D . -10.51 9.02 -7.59
C3B HEM D . -11.67 8.42 -7.30
C4B HEM D . -12.69 9.00 -8.16
CMB HEM D . -9.15 8.72 -6.92
CAB HEM D . -11.89 7.31 -6.27
CBB HEM D . -11.84 7.60 -4.96
C1C HEM D . -15.00 9.18 -8.98
C2C HEM D . -16.40 8.79 -8.99
C3C HEM D . -17.02 9.53 -9.91
C4C HEM D . -16.04 10.42 -10.53
CMC HEM D . -17.06 7.72 -8.11
CAC HEM D . -18.52 9.46 -10.26
CBC HEM D . -18.90 8.97 -11.46
C1D HEM D . -15.36 12.19 -12.11
C2D HEM D . -15.67 13.15 -13.16
C3D HEM D . -14.34 13.84 -13.48
C4D HEM D . -13.36 13.23 -12.59
CMD HEM D . -17.04 13.42 -13.81
CAD HEM D . -14.10 14.95 -14.52
CBD HEM D . -13.17 14.46 -15.63
CGD HEM D . -13.10 15.49 -16.72
O1D HEM D . -14.07 15.57 -17.53
O2D HEM D . -12.09 16.23 -16.81
NA HEM D . -11.26 12.02 -10.80
NB HEM D . -12.09 9.95 -8.96
NC HEM D . -14.82 10.17 -9.93
ND HEM D . -14.00 12.27 -11.82
FE HEM D . -13.05 11.12 -10.39
#